data_8RD7
#
_entry.id   8RD7
#
_cell.length_a   62.883
_cell.length_b   62.883
_cell.length_c   231.245
_cell.angle_alpha   90.00
_cell.angle_beta   90.00
_cell.angle_gamma   90.00
#
_symmetry.space_group_name_H-M   'P 43 21 2'
#
loop_
_entity.id
_entity.type
_entity.pdbx_description
1 polymer 'E3 ubiquitin-protein ligase HUWE1'
2 non-polymer 'CHLORIDE ION'
3 non-polymer 'ACETATE ION'
4 non-polymer GLYCEROL
5 non-polymer '[(2R,3S,4R,5R)-5-(6-AMINOPURIN-9-YL)-3,4-DIHYDROXY-OXOLAN-2-YL]METHYL [HYDROXY-[[(2R,3S,4R,5S)-3,4,5-TRIHYDROXYOXOLAN-2-YL]METHOXY]PHOSPHORYL] HYDROGEN PHOSPHATE'
6 water water
#
_entity_poly.entity_id   1
_entity_poly.type   'polypeptide(L)'
_entity_poly.pdbx_seq_one_letter_code
;GQSNSNNWRWFDDRSGRWCSYSASNNSTIDSAWKSGETSVRFTAGRRRYTVQFTTMVQVNEETGNRRPVMLTLLRVPRLN
KNSKNSNGQEL
;
_entity_poly.pdbx_strand_id   A,B,C,D
#
# COMPACT_ATOMS: atom_id res chain seq x y z
N ASN A 7 4.28 13.92 2.50
CA ASN A 7 4.15 12.47 2.45
C ASN A 7 5.44 11.75 2.03
N TRP A 8 6.44 12.47 1.47
CA TRP A 8 7.75 11.87 1.17
C TRP A 8 8.72 12.18 2.29
N ARG A 9 9.65 11.25 2.56
CA ARG A 9 10.67 11.45 3.58
C ARG A 9 12.00 10.93 3.06
N TRP A 10 13.08 11.50 3.59
CA TRP A 10 14.44 11.06 3.28
C TRP A 10 15.15 10.71 4.57
N PHE A 11 16.05 9.74 4.53
CA PHE A 11 16.68 9.29 5.77
C PHE A 11 18.00 10.01 6.01
N ASP A 12 18.18 10.54 7.22
CA ASP A 12 19.41 11.23 7.63
C ASP A 12 20.26 10.28 8.45
N ASP A 13 21.38 9.78 7.87
CA ASP A 13 22.27 8.85 8.57
C ASP A 13 23.04 9.54 9.68
N ARG A 14 23.03 10.89 9.74
CA ARG A 14 23.75 11.51 10.87
C ARG A 14 22.95 11.36 12.16
N SER A 15 21.67 11.70 12.11
CA SER A 15 20.80 11.63 13.27
C SER A 15 20.12 10.28 13.38
N GLY A 16 20.15 9.48 12.31
CA GLY A 16 19.49 8.19 12.33
C GLY A 16 17.99 8.30 12.27
N ARG A 17 17.45 9.32 11.59
CA ARG A 17 16.02 9.55 11.56
C ARG A 17 15.54 9.90 10.15
N TRP A 18 14.29 9.56 9.87
CA TRP A 18 13.64 10.06 8.67
C TRP A 18 13.27 11.53 8.83
N CYS A 19 13.38 12.27 7.73
CA CYS A 19 13.19 13.72 7.72
C CYS A 19 12.23 14.14 6.61
N SER A 20 11.48 15.21 6.87
CA SER A 20 10.53 15.73 5.88
C SER A 20 11.23 16.62 4.85
N TYR A 21 10.62 16.71 3.69
CA TYR A 21 10.98 17.70 2.68
C TYR A 21 10.23 19.00 2.93
N SER A 22 10.71 20.09 2.34
CA SER A 22 9.92 21.30 2.31
C SER A 22 8.62 21.04 1.55
N ALA A 23 7.63 21.89 1.79
CA ALA A 23 6.35 21.72 1.10
C ALA A 23 6.55 21.75 -0.41
N SER A 24 7.39 22.67 -0.90
CA SER A 24 7.58 22.78 -2.34
C SER A 24 8.34 21.60 -2.91
N ASN A 25 9.36 21.10 -2.19
CA ASN A 25 10.07 19.94 -2.72
C ASN A 25 9.22 18.69 -2.63
N ASN A 26 8.45 18.54 -1.55
CA ASN A 26 7.54 17.41 -1.47
C ASN A 26 6.56 17.43 -2.64
N SER A 27 6.05 18.62 -2.99
CA SER A 27 5.12 18.73 -4.09
C SER A 27 5.78 18.40 -5.42
N THR A 28 7.03 18.84 -5.63
CA THR A 28 7.75 18.51 -6.87
C THR A 28 7.93 16.99 -6.98
N ILE A 29 8.36 16.36 -5.90
CA ILE A 29 8.57 14.91 -5.91
C ILE A 29 7.24 14.20 -6.15
N ASP A 30 6.21 14.57 -5.39
CA ASP A 30 4.96 13.83 -5.47
C ASP A 30 4.29 14.02 -6.83
N SER A 31 4.44 15.18 -7.45
CA SER A 31 3.88 15.42 -8.76
C SER A 31 4.50 14.50 -9.80
N ALA A 32 5.82 14.31 -9.73
CA ALA A 32 6.49 13.39 -10.64
C ALA A 32 6.07 11.95 -10.34
N TRP A 33 5.93 11.61 -9.05
CA TRP A 33 5.48 10.26 -8.69
C TRP A 33 4.14 9.96 -9.32
N LYS A 34 3.17 10.89 -9.16
CA LYS A 34 1.80 10.70 -9.63
C LYS A 34 1.73 10.66 -11.14
N SER A 35 2.66 11.31 -11.85
CA SER A 35 2.62 11.33 -13.30
C SER A 35 3.35 10.18 -13.96
N GLY A 36 3.83 9.22 -13.18
CA GLY A 36 4.48 8.07 -13.76
C GLY A 36 5.94 8.20 -14.10
N GLU A 37 6.60 9.30 -13.71
CA GLU A 37 8.03 9.45 -14.04
C GLU A 37 8.86 8.43 -13.27
N THR A 38 10.01 8.06 -13.84
CA THR A 38 10.90 7.17 -13.08
C THR A 38 11.85 7.92 -12.15
N SER A 39 12.01 9.22 -12.34
CA SER A 39 12.88 10.02 -11.49
C SER A 39 12.44 11.47 -11.56
N VAL A 40 12.99 12.27 -10.65
CA VAL A 40 12.67 13.70 -10.61
C VAL A 40 13.85 14.48 -10.03
N ARG A 41 14.11 15.66 -10.59
CA ARG A 41 15.11 16.55 -10.06
C ARG A 41 14.48 17.63 -9.22
N PHE A 42 15.21 18.04 -8.19
CA PHE A 42 14.81 19.21 -7.43
C PHE A 42 16.05 19.85 -6.82
N THR A 43 15.85 21.07 -6.35
CA THR A 43 16.92 21.84 -5.75
C THR A 43 16.51 22.26 -4.35
N ALA A 44 17.52 22.37 -3.49
CA ALA A 44 17.32 22.98 -2.18
C ALA A 44 18.53 23.87 -1.95
N GLY A 45 18.34 25.16 -2.06
CA GLY A 45 19.48 26.06 -1.95
C GLY A 45 20.48 25.82 -3.07
N ARG A 46 21.75 25.60 -2.68
CA ARG A 46 22.80 25.30 -3.63
C ARG A 46 22.89 23.81 -3.93
N ARG A 47 22.07 22.97 -3.30
CA ARG A 47 22.15 21.53 -3.43
C ARG A 47 21.22 21.11 -4.56
N ARG A 48 21.61 20.06 -5.27
CA ARG A 48 20.88 19.59 -6.43
C ARG A 48 20.72 18.10 -6.26
N TYR A 49 19.50 17.58 -6.44
CA TYR A 49 19.25 16.18 -6.20
C TYR A 49 18.40 15.57 -7.31
N THR A 50 18.52 14.24 -7.45
CA THR A 50 17.59 13.45 -8.24
C THR A 50 17.02 12.41 -7.31
N VAL A 51 15.69 12.30 -7.27
CA VAL A 51 15.07 11.17 -6.61
C VAL A 51 14.82 10.10 -7.66
N GLN A 52 15.33 8.91 -7.40
CA GLN A 52 15.19 7.75 -8.28
C GLN A 52 14.08 6.86 -7.75
N PHE A 53 12.93 6.85 -8.41
CA PHE A 53 11.81 6.09 -7.89
C PHE A 53 11.97 4.59 -8.09
N THR A 54 12.85 4.17 -9.00
CA THR A 54 13.03 2.74 -9.25
C THR A 54 13.87 2.10 -8.16
N THR A 55 14.63 2.91 -7.41
CA THR A 55 15.39 2.42 -6.28
C THR A 55 14.99 3.06 -4.97
N MET A 56 14.11 4.06 -4.96
CA MET A 56 13.72 4.77 -3.74
C MET A 56 14.95 5.34 -3.02
N VAL A 57 15.78 6.05 -3.79
CA VAL A 57 16.98 6.71 -3.30
C VAL A 57 17.05 8.11 -3.89
N GLN A 58 17.51 9.05 -3.08
CA GLN A 58 17.79 10.40 -3.51
C GLN A 58 19.30 10.50 -3.71
N VAL A 59 19.73 11.01 -4.87
CA VAL A 59 21.14 11.13 -5.18
C VAL A 59 21.52 12.60 -5.26
N ASN A 60 22.54 12.98 -4.51
CA ASN A 60 23.09 14.31 -4.62
C ASN A 60 23.84 14.42 -5.94
N GLU A 61 23.43 15.35 -6.82
CA GLU A 61 24.01 15.35 -8.14
C GLU A 61 25.48 15.74 -8.14
N GLU A 62 25.91 16.51 -7.14
CA GLU A 62 27.30 16.94 -7.05
C GLU A 62 28.20 15.85 -6.49
N THR A 63 27.81 15.23 -5.39
CA THR A 63 28.70 14.31 -4.69
C THR A 63 28.36 12.86 -4.92
N GLY A 64 27.18 12.57 -5.44
CA GLY A 64 26.78 11.19 -5.56
C GLY A 64 26.26 10.59 -4.26
N ASN A 65 26.22 11.36 -3.16
CA ASN A 65 25.73 10.78 -1.91
C ASN A 65 24.27 10.28 -2.08
N ARG A 66 24.00 9.09 -1.55
CA ARG A 66 22.69 8.47 -1.62
C ARG A 66 21.98 8.55 -0.28
N ARG A 67 20.74 9.06 -0.30
CA ARG A 67 19.90 9.06 0.90
C ARG A 67 18.65 8.28 0.55
N PRO A 68 18.29 7.28 1.33
CA PRO A 68 17.06 6.54 1.04
C PRO A 68 15.84 7.43 1.20
N VAL A 69 14.81 7.15 0.40
CA VAL A 69 13.54 7.84 0.52
C VAL A 69 12.42 6.85 0.80
N MET A 70 11.32 7.38 1.36
CA MET A 70 10.11 6.59 1.56
C MET A 70 8.90 7.44 1.26
N LEU A 71 7.82 6.75 0.93
CA LEU A 71 6.51 7.31 0.67
C LEU A 71 5.63 6.82 1.81
N THR A 72 5.08 7.73 2.59
CA THR A 72 4.17 7.30 3.63
C THR A 72 2.88 6.77 3.00
N LEU A 73 2.24 5.80 3.66
N LEU A 73 2.26 5.82 3.66
CA LEU A 73 1.06 5.13 3.13
CA LEU A 73 1.04 5.25 3.15
C LEU A 73 -0.09 5.21 4.13
C LEU A 73 -0.05 5.47 4.17
N LEU A 74 -1.25 5.73 3.67
CA LEU A 74 -2.43 5.88 4.52
C LEU A 74 -3.18 4.56 4.56
N ARG A 75 -3.71 4.24 5.73
CA ARG A 75 -4.44 2.99 5.91
C ARG A 75 -5.65 2.89 5.02
N VAL A 76 -5.89 1.67 4.50
CA VAL A 76 -7.12 1.38 3.78
C VAL A 76 -7.73 0.12 4.40
N PRO A 77 -8.96 0.16 4.89
CA PRO A 77 -9.80 1.36 5.03
C PRO A 77 -9.28 2.32 6.07
N ARG A 78 -9.85 3.52 6.07
CA ARG A 78 -9.50 4.53 7.05
C ARG A 78 -10.14 4.18 8.40
N LEU A 79 -9.46 4.55 9.48
CA LEU A 79 -10.06 4.36 10.80
C LEU A 79 -11.02 5.48 11.17
N ASN A 80 -12.01 5.15 11.99
CA ASN A 80 -12.93 6.17 12.50
C ASN A 80 -12.18 7.13 13.43
N LYS A 81 -12.69 8.35 13.54
CA LYS A 81 -12.08 9.35 14.42
C LYS A 81 -12.75 9.37 15.79
N ASN B 6 12.24 -11.32 0.72
CA ASN B 6 10.98 -11.12 0.02
C ASN B 6 10.55 -9.65 -0.02
N ASN B 7 9.71 -9.18 0.92
CA ASN B 7 9.09 -7.89 0.73
C ASN B 7 9.64 -6.78 1.63
N TRP B 8 10.37 -7.09 2.71
CA TRP B 8 10.99 -6.06 3.53
C TRP B 8 12.42 -5.84 3.09
N ARG B 9 12.89 -4.59 3.24
CA ARG B 9 14.26 -4.28 2.89
C ARG B 9 14.86 -3.31 3.91
N TRP B 10 16.17 -3.35 4.05
CA TRP B 10 16.89 -2.39 4.88
C TRP B 10 17.96 -1.74 4.01
N PHE B 11 18.28 -0.48 4.29
CA PHE B 11 19.23 0.21 3.40
C PHE B 11 20.65 0.08 3.92
N ASP B 12 21.55 -0.39 3.06
CA ASP B 12 22.97 -0.52 3.38
C ASP B 12 23.67 0.74 2.91
N ASP B 13 24.08 1.59 3.86
CA ASP B 13 24.77 2.85 3.52
C ASP B 13 26.14 2.62 2.92
N ARG B 14 26.77 1.46 3.20
CA ARG B 14 28.11 1.31 2.66
C ARG B 14 28.04 1.08 1.16
N SER B 15 27.15 0.19 0.74
CA SER B 15 27.00 -0.06 -0.68
C SER B 15 26.06 0.91 -1.37
N GLY B 16 25.23 1.62 -0.58
CA GLY B 16 24.26 2.52 -1.17
C GLY B 16 23.08 1.82 -1.81
N ARG B 17 22.65 0.66 -1.26
CA ARG B 17 21.59 -0.13 -1.87
C ARG B 17 20.61 -0.63 -0.82
N TRP B 18 19.34 -0.73 -1.20
CA TRP B 18 18.39 -1.48 -0.38
C TRP B 18 18.65 -2.97 -0.49
N CYS B 19 18.51 -3.68 0.63
CA CYS B 19 18.87 -5.09 0.71
C CYS B 19 17.73 -5.93 1.27
N SER B 20 17.57 -7.13 0.76
CA SER B 20 16.56 -8.05 1.25
C SER B 20 17.09 -8.74 2.50
N TYR B 21 16.18 -9.14 3.36
CA TYR B 21 16.47 -10.00 4.50
C TYR B 21 16.47 -11.46 4.06
N SER B 22 17.00 -12.33 4.94
CA SER B 22 16.83 -13.76 4.73
C SER B 22 15.34 -14.10 4.77
N ALA B 23 15.00 -15.26 4.17
CA ALA B 23 13.60 -15.67 4.16
C ALA B 23 13.04 -15.72 5.57
N SER B 24 13.80 -16.28 6.52
N SER B 24 13.81 -16.30 6.50
CA SER B 24 13.27 -16.43 7.87
CA SER B 24 13.38 -16.45 7.89
C SER B 24 13.16 -15.09 8.59
C SER B 24 13.17 -15.10 8.54
N ASN B 25 14.14 -14.18 8.39
CA ASN B 25 14.01 -12.87 9.01
C ASN B 25 12.89 -12.06 8.39
N ASN B 26 12.75 -12.16 7.06
CA ASN B 26 11.62 -11.49 6.42
C ASN B 26 10.30 -11.98 6.98
N SER B 27 10.17 -13.30 7.19
CA SER B 27 8.93 -13.86 7.71
C SER B 27 8.69 -13.39 9.16
N THR B 28 9.75 -13.35 9.98
CA THR B 28 9.61 -12.88 11.35
C THR B 28 9.14 -11.42 11.36
N ILE B 29 9.76 -10.58 10.54
CA ILE B 29 9.37 -9.17 10.47
C ILE B 29 7.96 -9.04 9.95
N ASP B 30 7.65 -9.73 8.85
CA ASP B 30 6.34 -9.54 8.22
C ASP B 30 5.22 -10.09 9.09
N SER B 31 5.49 -11.14 9.87
CA SER B 31 4.45 -11.66 10.76
C SER B 31 4.14 -10.66 11.85
N ALA B 32 5.19 -9.99 12.40
CA ALA B 32 4.95 -8.98 13.42
C ALA B 32 4.23 -7.77 12.81
N TRP B 33 4.59 -7.42 11.57
CA TRP B 33 3.89 -6.33 10.90
C TRP B 33 2.40 -6.64 10.81
N LYS B 34 2.07 -7.84 10.33
CA LYS B 34 0.66 -8.18 10.12
C LYS B 34 -0.12 -8.31 11.43
N SER B 35 0.56 -8.57 12.55
CA SER B 35 -0.08 -8.73 13.84
C SER B 35 -0.28 -7.41 14.58
N GLY B 36 0.10 -6.29 14.00
CA GLY B 36 -0.11 -5.00 14.64
C GLY B 36 0.94 -4.60 15.66
N GLU B 37 1.99 -5.39 15.84
CA GLU B 37 3.03 -5.07 16.81
C GLU B 37 3.72 -3.77 16.42
N THR B 38 4.22 -3.02 17.41
CA THR B 38 4.94 -1.80 17.09
C THR B 38 6.42 -2.01 16.80
N SER B 39 6.97 -3.17 17.18
CA SER B 39 8.38 -3.48 16.90
C SER B 39 8.52 -4.98 16.88
N VAL B 40 9.69 -5.44 16.42
CA VAL B 40 9.98 -6.86 16.38
C VAL B 40 11.48 -7.07 16.52
N ARG B 41 11.85 -8.11 17.25
CA ARG B 41 13.24 -8.56 17.38
C ARG B 41 13.51 -9.70 16.42
N PHE B 42 14.72 -9.72 15.87
CA PHE B 42 15.18 -10.85 15.08
C PHE B 42 16.70 -10.93 15.23
N THR B 43 17.26 -12.05 14.76
CA THR B 43 18.70 -12.26 14.83
C THR B 43 19.26 -12.74 13.50
N ALA B 44 20.54 -12.51 13.33
CA ALA B 44 21.30 -13.11 12.24
C ALA B 44 22.41 -13.81 13.02
N GLY B 45 22.28 -15.12 13.15
CA GLY B 45 23.16 -15.83 14.05
C GLY B 45 22.89 -15.32 15.45
N ARG B 46 23.93 -14.98 16.18
CA ARG B 46 23.72 -14.35 17.48
C ARG B 46 23.50 -12.84 17.38
N ARG B 47 23.72 -12.22 16.21
CA ARG B 47 23.62 -10.76 16.15
CA ARG B 47 23.61 -10.76 16.08
C ARG B 47 22.16 -10.31 16.28
N ARG B 48 21.91 -9.41 17.22
CA ARG B 48 20.56 -9.01 17.54
C ARG B 48 20.17 -7.69 16.90
N TYR B 49 18.93 -7.63 16.41
CA TYR B 49 18.34 -6.45 15.79
C TYR B 49 16.91 -6.23 16.30
N THR B 50 16.46 -4.96 16.27
CA THR B 50 15.04 -4.64 16.46
C THR B 50 14.61 -3.78 15.28
N VAL B 51 13.48 -4.11 14.65
CA VAL B 51 12.83 -3.21 13.69
C VAL B 51 11.73 -2.46 14.43
N GLN B 52 11.81 -1.14 14.35
CA GLN B 52 10.86 -0.23 14.98
C GLN B 52 9.89 0.21 13.89
N PHE B 53 8.67 -0.31 13.92
CA PHE B 53 7.70 0.01 12.88
C PHE B 53 7.15 1.43 13.00
N THR B 54 7.23 2.06 14.18
CA THR B 54 6.71 3.41 14.30
C THR B 54 7.66 4.41 13.67
N THR B 55 8.93 4.06 13.48
CA THR B 55 9.88 4.92 12.81
C THR B 55 10.45 4.34 11.53
N MET B 56 10.13 3.07 11.22
CA MET B 56 10.64 2.41 10.02
C MET B 56 12.17 2.41 10.03
N VAL B 57 12.74 1.99 11.15
CA VAL B 57 14.20 1.92 11.31
C VAL B 57 14.55 0.59 11.96
N GLN B 58 15.67 0.02 11.52
CA GLN B 58 16.26 -1.15 12.11
C GLN B 58 17.41 -0.70 13.01
N VAL B 59 17.41 -1.16 14.27
CA VAL B 59 18.47 -0.81 15.22
C VAL B 59 19.32 -2.07 15.38
N ASN B 60 20.62 -1.95 15.06
CA ASN B 60 21.57 -3.00 15.34
C ASN B 60 21.84 -2.96 16.85
N GLU B 61 21.49 -4.04 17.56
CA GLU B 61 21.55 -4.01 19.00
C GLU B 61 22.93 -4.35 19.54
N GLU B 62 23.93 -4.43 18.64
CA GLU B 62 25.33 -4.58 19.05
C GLU B 62 26.15 -3.33 18.76
N THR B 63 25.90 -2.67 17.64
CA THR B 63 26.63 -1.45 17.31
C THR B 63 25.82 -0.20 17.57
N GLY B 64 24.51 -0.32 17.68
CA GLY B 64 23.62 0.81 17.81
C GLY B 64 23.28 1.49 16.49
N ASN B 65 23.88 1.07 15.39
CA ASN B 65 23.62 1.77 14.15
C ASN B 65 22.16 1.63 13.74
N ARG B 66 21.60 2.74 13.22
CA ARG B 66 20.21 2.77 12.76
C ARG B 66 20.21 2.80 11.23
N ARG B 67 19.54 1.81 10.62
CA ARG B 67 19.36 1.76 9.16
C ARG B 67 17.87 1.85 8.86
N PRO B 68 17.48 2.60 7.84
CA PRO B 68 16.05 2.65 7.52
C PRO B 68 15.59 1.34 6.90
N VAL B 69 14.28 1.07 7.06
CA VAL B 69 13.65 -0.08 6.45
C VAL B 69 12.53 0.40 5.56
N MET B 70 12.14 -0.46 4.61
CA MET B 70 10.99 -0.17 3.78
C MET B 70 10.20 -1.46 3.53
N LEU B 71 8.91 -1.29 3.26
CA LEU B 71 8.00 -2.37 2.91
C LEU B 71 7.70 -2.16 1.45
N THR B 72 8.10 -3.12 0.61
CA THR B 72 7.76 -3.01 -0.79
C THR B 72 6.25 -3.24 -0.99
N LEU B 73 5.70 -2.57 -1.99
CA LEU B 73 4.27 -2.67 -2.24
C LEU B 73 4.05 -3.08 -3.67
N LEU B 74 3.12 -4.03 -3.88
CA LEU B 74 2.82 -4.52 -5.21
C LEU B 74 1.63 -3.73 -5.75
N ARG B 75 1.64 -3.52 -7.07
CA ARG B 75 0.58 -2.73 -7.70
C ARG B 75 -0.80 -3.35 -7.49
N VAL B 76 -1.82 -2.50 -7.29
CA VAL B 76 -3.20 -2.96 -7.25
C VAL B 76 -4.02 -2.13 -8.23
N PRO B 77 -4.73 -2.74 -9.19
CA PRO B 77 -4.75 -4.18 -9.45
C PRO B 77 -3.42 -4.60 -10.05
N ARG B 78 -3.27 -5.91 -10.17
CA ARG B 78 -2.10 -6.49 -10.83
C ARG B 78 -2.20 -6.30 -12.35
N LEU B 79 -1.03 -6.15 -12.99
CA LEU B 79 -0.98 -6.06 -14.44
C LEU B 79 -1.13 -7.44 -15.08
N ASN B 80 -1.72 -7.48 -16.28
CA ASN B 80 -1.84 -8.72 -17.03
C ASN B 80 -0.47 -9.17 -17.51
N LYS B 81 -0.29 -10.48 -17.60
CA LYS B 81 0.94 -11.05 -18.15
C LYS B 81 0.79 -11.39 -19.64
N ASN C 6 -5.65 -11.69 8.58
CA ASN C 6 -6.71 -11.68 7.58
C ASN C 6 -6.91 -10.32 6.92
N ASN C 7 -6.20 -10.15 5.81
CA ASN C 7 -6.08 -8.87 5.14
C ASN C 7 -6.87 -8.76 3.83
N TRP C 8 -7.35 -9.87 3.26
CA TRP C 8 -8.18 -9.80 2.06
C TRP C 8 -9.64 -9.72 2.44
N ARG C 9 -10.44 -9.04 1.60
CA ARG C 9 -11.88 -8.97 1.85
C ARG C 9 -12.66 -9.10 0.55
N TRP C 10 -13.90 -9.58 0.64
CA TRP C 10 -14.80 -9.65 -0.50
C TRP C 10 -16.06 -8.90 -0.12
N PHE C 11 -16.71 -8.26 -1.10
CA PHE C 11 -17.86 -7.45 -0.77
C PHE C 11 -19.16 -8.26 -0.92
N ASP C 12 -20.01 -8.21 0.09
CA ASP C 12 -21.29 -8.87 0.06
C ASP C 12 -22.38 -7.85 -0.25
N ASP C 13 -22.92 -7.88 -1.49
CA ASP C 13 -23.94 -6.87 -1.85
C ASP C 13 -25.24 -7.07 -1.10
N ARG C 14 -25.45 -8.25 -0.53
CA ARG C 14 -26.67 -8.52 0.22
C ARG C 14 -26.67 -7.77 1.54
N SER C 15 -25.56 -7.81 2.27
CA SER C 15 -25.46 -7.09 3.54
C SER C 15 -24.89 -5.69 3.37
N GLY C 16 -24.27 -5.40 2.22
CA GLY C 16 -23.65 -4.11 2.01
C GLY C 16 -22.37 -3.91 2.78
N ARG C 17 -21.62 -4.98 3.04
CA ARG C 17 -20.42 -4.92 3.85
C ARG C 17 -19.32 -5.75 3.21
N TRP C 18 -18.08 -5.29 3.42
CA TRP C 18 -16.92 -6.11 3.14
C TRP C 18 -16.81 -7.20 4.19
N CYS C 19 -16.39 -8.39 3.76
CA CYS C 19 -16.34 -9.60 4.58
C CYS C 19 -14.96 -10.24 4.50
N SER C 20 -14.57 -10.90 5.59
CA SER C 20 -13.31 -11.63 5.68
C SER C 20 -13.42 -13.03 5.12
N TYR C 21 -12.27 -13.54 4.68
CA TYR C 21 -12.12 -14.95 4.35
C TYR C 21 -11.72 -15.75 5.61
N SER C 22 -11.86 -17.07 5.52
CA SER C 22 -11.30 -17.91 6.56
C SER C 22 -9.79 -17.72 6.59
N ALA C 23 -9.17 -18.06 7.72
CA ALA C 23 -7.72 -17.91 7.80
C ALA C 23 -7.04 -18.70 6.70
N SER C 24 -7.49 -19.94 6.44
CA SER C 24 -6.83 -20.76 5.43
C SER C 24 -7.03 -20.20 4.02
N ASN C 25 -8.25 -19.74 3.71
CA ASN C 25 -8.46 -19.19 2.37
C ASN C 25 -7.74 -17.86 2.21
N ASN C 26 -7.71 -17.04 3.26
CA ASN C 26 -6.93 -15.81 3.19
C ASN C 26 -5.46 -16.13 2.91
N SER C 27 -4.93 -17.18 3.57
CA SER C 27 -3.54 -17.54 3.33
C SER C 27 -3.30 -18.00 1.90
N THR C 28 -4.23 -18.80 1.33
CA THR C 28 -4.08 -19.23 -0.06
C THR C 28 -4.08 -18.02 -0.99
N ILE C 29 -5.00 -17.11 -0.77
CA ILE C 29 -5.08 -15.92 -1.61
C ILE C 29 -3.82 -15.08 -1.44
N ASP C 30 -3.42 -14.84 -0.17
CA ASP C 30 -2.30 -13.93 0.07
C ASP C 30 -0.99 -14.53 -0.42
N SER C 31 -0.85 -15.86 -0.36
N SER C 31 -0.84 -15.86 -0.34
CA SER C 31 0.37 -16.50 -0.86
CA SER C 31 0.37 -16.48 -0.87
C SER C 31 0.49 -16.36 -2.38
C SER C 31 0.48 -16.31 -2.38
N ALA C 32 -0.62 -16.54 -3.10
CA ALA C 32 -0.60 -16.32 -4.54
C ALA C 32 -0.34 -14.85 -4.88
N TRP C 33 -0.89 -13.92 -4.06
CA TRP C 33 -0.64 -12.50 -4.29
C TRP C 33 0.84 -12.19 -4.18
N LYS C 34 1.47 -12.67 -3.11
CA LYS C 34 2.88 -12.34 -2.86
C LYS C 34 3.79 -13.01 -3.91
N SER C 35 3.33 -14.11 -4.52
CA SER C 35 4.12 -14.90 -5.47
C SER C 35 4.01 -14.37 -6.88
N GLY C 36 3.25 -13.31 -7.11
CA GLY C 36 3.15 -12.74 -8.44
C GLY C 36 2.15 -13.38 -9.37
N GLU C 37 1.34 -14.32 -8.90
CA GLU C 37 0.38 -14.97 -9.77
C GLU C 37 -0.70 -13.97 -10.19
N THR C 38 -1.28 -14.15 -11.38
CA THR C 38 -2.38 -13.26 -11.77
C THR C 38 -3.74 -13.68 -11.26
N SER C 39 -3.90 -14.90 -10.79
CA SER C 39 -5.15 -15.35 -10.21
C SER C 39 -4.85 -16.53 -9.30
N VAL C 40 -5.85 -16.90 -8.51
CA VAL C 40 -5.72 -18.02 -7.58
C VAL C 40 -7.11 -18.63 -7.35
N ARG C 41 -7.17 -19.94 -7.23
CA ARG C 41 -8.40 -20.61 -6.86
C ARG C 41 -8.39 -21.06 -5.41
N PHE C 42 -9.57 -21.09 -4.82
CA PHE C 42 -9.71 -21.67 -3.49
C PHE C 42 -11.10 -22.28 -3.39
N THR C 43 -11.28 -23.11 -2.36
CA THR C 43 -12.53 -23.79 -2.12
C THR C 43 -13.04 -23.29 -0.79
N ALA C 44 -14.34 -22.96 -0.75
CA ALA C 44 -15.01 -22.61 0.50
C ALA C 44 -16.37 -23.25 0.50
N GLY C 45 -16.58 -24.15 1.48
CA GLY C 45 -17.74 -25.00 1.53
C GLY C 45 -17.79 -25.96 0.33
N ARG C 46 -18.89 -25.84 -0.41
CA ARG C 46 -19.18 -26.63 -1.59
C ARG C 46 -18.97 -25.82 -2.86
N ARG C 47 -18.13 -24.76 -2.83
CA ARG C 47 -17.92 -23.94 -4.02
C ARG C 47 -16.45 -23.66 -4.23
N ARG C 48 -16.08 -23.57 -5.50
CA ARG C 48 -14.74 -23.17 -5.92
C ARG C 48 -14.84 -21.76 -6.44
N TYR C 49 -13.84 -20.93 -6.09
CA TYR C 49 -13.80 -19.53 -6.50
C TYR C 49 -12.47 -19.24 -7.15
N THR C 50 -12.45 -18.28 -8.10
CA THR C 50 -11.19 -17.75 -8.59
C THR C 50 -11.13 -16.29 -8.21
N VAL C 51 -10.03 -15.88 -7.55
CA VAL C 51 -9.76 -14.46 -7.36
C VAL C 51 -8.89 -14.02 -8.52
N GLN C 52 -9.38 -13.04 -9.28
CA GLN C 52 -8.66 -12.49 -10.42
C GLN C 52 -7.97 -11.23 -9.94
N PHE C 53 -6.65 -11.30 -9.78
CA PHE C 53 -5.93 -10.14 -9.26
C PHE C 53 -5.81 -9.01 -10.26
N THR C 54 -5.97 -9.30 -11.56
CA THR C 54 -5.87 -8.23 -12.54
C THR C 54 -7.12 -7.38 -12.56
N THR C 55 -8.24 -7.88 -12.05
CA THR C 55 -9.45 -7.07 -11.95
C THR C 55 -9.92 -6.87 -10.52
N MET C 56 -9.32 -7.55 -9.55
CA MET C 56 -9.79 -7.47 -8.17
C MET C 56 -11.26 -7.88 -8.07
N VAL C 57 -11.57 -9.05 -8.66
CA VAL C 57 -12.91 -9.63 -8.63
C VAL C 57 -12.78 -11.11 -8.34
N GLN C 58 -13.68 -11.63 -7.53
CA GLN C 58 -13.80 -13.05 -7.24
C GLN C 58 -14.96 -13.63 -8.04
N VAL C 59 -14.73 -14.78 -8.71
CA VAL C 59 -15.75 -15.45 -9.51
C VAL C 59 -16.12 -16.75 -8.82
N ASN C 60 -17.41 -16.93 -8.56
CA ASN C 60 -17.94 -18.19 -8.09
C ASN C 60 -17.99 -19.12 -9.29
N GLU C 61 -17.21 -20.21 -9.28
CA GLU C 61 -17.11 -21.02 -10.50
C GLU C 61 -18.32 -21.92 -10.68
N GLU C 62 -19.13 -22.10 -9.62
CA GLU C 62 -20.35 -22.87 -9.78
CA GLU C 62 -20.37 -22.86 -9.72
C GLU C 62 -21.46 -22.05 -10.42
N THR C 63 -21.61 -20.78 -10.04
CA THR C 63 -22.74 -20.00 -10.54
C THR C 63 -22.35 -18.92 -11.53
N GLY C 64 -21.09 -18.54 -11.55
CA GLY C 64 -20.61 -17.40 -12.30
C GLY C 64 -20.72 -16.06 -11.58
N ASN C 65 -21.29 -16.02 -10.36
CA ASN C 65 -21.46 -14.74 -9.68
C ASN C 65 -20.13 -14.09 -9.37
N ARG C 66 -20.06 -12.79 -9.60
CA ARG C 66 -18.87 -12.00 -9.38
C ARG C 66 -19.01 -11.12 -8.15
N ARG C 67 -17.98 -11.11 -7.29
CA ARG C 67 -17.95 -10.21 -6.13
C ARG C 67 -16.63 -9.48 -6.11
N PRO C 68 -16.63 -8.20 -5.89
CA PRO C 68 -15.35 -7.49 -5.81
C PRO C 68 -14.57 -7.85 -4.56
N VAL C 69 -13.23 -7.75 -4.68
CA VAL C 69 -12.34 -8.00 -3.56
C VAL C 69 -11.47 -6.78 -3.31
N MET C 70 -10.92 -6.71 -2.10
CA MET C 70 -9.96 -5.69 -1.78
C MET C 70 -8.86 -6.26 -0.87
N LEU C 71 -7.71 -5.60 -0.90
CA LEU C 71 -6.58 -5.91 -0.05
C LEU C 71 -6.46 -4.75 0.93
N THR C 72 -6.63 -5.05 2.21
CA THR C 72 -6.47 -4.01 3.19
C THR C 72 -4.98 -3.63 3.29
N LEU C 73 -4.73 -2.39 3.63
CA LEU C 73 -3.38 -1.87 3.74
C LEU C 73 -3.21 -1.21 5.10
N LEU C 74 -2.11 -1.56 5.79
CA LEU C 74 -1.80 -0.96 7.08
C LEU C 74 -0.95 0.28 6.88
N ARG C 75 -1.14 1.26 7.76
CA ARG C 75 -0.42 2.52 7.68
C ARG C 75 1.09 2.34 7.76
N VAL C 76 1.82 3.15 6.98
CA VAL C 76 3.27 3.20 7.06
C VAL C 76 3.68 4.66 7.21
N PRO C 77 4.44 5.03 8.27
CA PRO C 77 4.83 4.19 9.41
C PRO C 77 3.63 3.86 10.30
N ARG C 78 3.86 2.94 11.22
CA ARG C 78 2.87 2.57 12.22
C ARG C 78 2.73 3.64 13.31
N LEU C 79 1.52 3.78 13.84
CA LEU C 79 1.26 4.71 14.94
C LEU C 79 1.70 4.07 16.26
N ASN C 80 2.09 4.93 17.21
CA ASN C 80 2.50 4.47 18.53
C ASN C 80 1.34 3.91 19.36
N ASN D 7 -7.76 7.25 -10.26
CA ASN D 7 -7.31 6.28 -9.29
C ASN D 7 -8.38 5.67 -8.37
N TRP D 8 -9.58 6.25 -8.26
CA TRP D 8 -10.67 5.63 -7.50
C TRP D 8 -11.64 4.94 -8.44
N ARG D 9 -12.21 3.82 -7.98
CA ARG D 9 -13.18 3.06 -8.77
C ARG D 9 -14.31 2.60 -7.88
N TRP D 10 -15.48 2.41 -8.49
CA TRP D 10 -16.64 1.87 -7.80
C TRP D 10 -17.12 0.63 -8.55
N PHE D 11 -17.65 -0.37 -7.84
CA PHE D 11 -18.02 -1.62 -8.51
C PHE D 11 -19.47 -1.50 -8.96
N ASP D 12 -19.73 -1.87 -10.22
CA ASP D 12 -21.07 -1.90 -10.81
C ASP D 12 -21.53 -3.36 -10.90
N ASP D 13 -22.43 -3.78 -10.00
CA ASP D 13 -22.87 -5.17 -10.02
C ASP D 13 -23.72 -5.50 -11.24
N ARG D 14 -24.27 -4.50 -11.93
CA ARG D 14 -25.06 -4.82 -13.11
C ARG D 14 -24.18 -5.27 -14.25
N SER D 15 -23.03 -4.63 -14.41
CA SER D 15 -22.08 -5.03 -15.43
C SER D 15 -21.03 -6.00 -14.91
N GLY D 16 -20.93 -6.17 -13.59
CA GLY D 16 -19.93 -7.06 -13.02
C GLY D 16 -18.52 -6.54 -13.12
N ARG D 17 -18.34 -5.22 -13.17
CA ARG D 17 -17.04 -4.66 -13.38
C ARG D 17 -16.83 -3.47 -12.48
N TRP D 18 -15.58 -3.24 -12.11
CA TRP D 18 -15.21 -1.96 -11.52
C TRP D 18 -15.26 -0.88 -12.57
N CYS D 19 -15.67 0.31 -12.16
CA CYS D 19 -15.84 1.45 -13.05
C CYS D 19 -15.05 2.64 -12.54
N SER D 20 -14.49 3.41 -13.46
CA SER D 20 -13.75 4.58 -13.04
C SER D 20 -14.73 5.68 -12.66
N TYR D 21 -14.34 6.53 -11.71
CA TYR D 21 -15.10 7.74 -11.49
C TYR D 21 -14.78 8.76 -12.58
N SER D 22 -15.68 9.72 -12.75
CA SER D 22 -15.40 10.83 -13.65
C SER D 22 -14.17 11.57 -13.16
N ALA D 23 -13.54 12.30 -14.08
CA ALA D 23 -12.34 13.06 -13.71
C ALA D 23 -12.61 13.98 -12.52
N SER D 24 -13.74 14.69 -12.54
CA SER D 24 -14.04 15.63 -11.46
C SER D 24 -14.38 14.89 -10.17
N ASN D 25 -15.11 13.76 -10.27
CA ASN D 25 -15.43 13.05 -9.05
C ASN D 25 -14.20 12.38 -8.48
N ASN D 26 -13.33 11.86 -9.37
CA ASN D 26 -12.08 11.29 -8.89
C ASN D 26 -11.26 12.34 -8.15
N SER D 27 -11.19 13.55 -8.70
CA SER D 27 -10.43 14.60 -8.05
C SER D 27 -11.04 14.98 -6.70
N THR D 28 -12.38 15.09 -6.65
CA THR D 28 -13.06 15.40 -5.39
C THR D 28 -12.80 14.34 -4.33
N ILE D 29 -12.96 13.07 -4.71
CA ILE D 29 -12.74 11.97 -3.78
C ILE D 29 -11.28 11.95 -3.31
N ASP D 30 -10.35 12.05 -4.27
CA ASP D 30 -8.95 11.90 -3.89
C ASP D 30 -8.48 13.07 -3.03
N SER D 31 -9.05 14.26 -3.22
CA SER D 31 -8.69 15.41 -2.38
C SER D 31 -9.11 15.18 -0.93
N ALA D 32 -10.30 14.62 -0.72
CA ALA D 32 -10.76 14.34 0.65
C ALA D 32 -9.94 13.21 1.26
N TRP D 33 -9.58 12.21 0.45
CA TRP D 33 -8.74 11.10 0.92
C TRP D 33 -7.44 11.63 1.48
N LYS D 34 -6.77 12.46 0.69
CA LYS D 34 -5.49 13.00 1.07
C LYS D 34 -5.56 13.96 2.25
N SER D 35 -6.72 14.56 2.50
CA SER D 35 -6.87 15.50 3.61
C SER D 35 -7.21 14.81 4.93
N GLY D 36 -7.30 13.49 4.93
CA GLY D 36 -7.59 12.79 6.16
C GLY D 36 -9.06 12.71 6.53
N GLU D 37 -9.96 13.19 5.67
N GLU D 37 -9.96 13.19 5.67
CA GLU D 37 -11.37 13.17 5.99
CA GLU D 37 -11.38 13.19 5.99
C GLU D 37 -11.88 11.75 6.04
C GLU D 37 -11.93 11.78 5.97
N THR D 38 -12.93 11.53 6.82
CA THR D 38 -13.52 10.18 6.85
C THR D 38 -14.54 9.91 5.77
N SER D 39 -15.04 10.93 5.08
CA SER D 39 -16.04 10.76 4.05
C SER D 39 -15.96 11.95 3.10
N VAL D 40 -16.62 11.81 1.96
CA VAL D 40 -16.68 12.89 0.96
C VAL D 40 -18.00 12.78 0.18
N ARG D 41 -18.54 13.96 -0.18
CA ARG D 41 -19.78 14.03 -0.95
C ARG D 41 -19.43 14.26 -2.41
N PHE D 42 -20.25 13.69 -3.28
CA PHE D 42 -20.18 13.98 -4.69
C PHE D 42 -21.55 13.75 -5.30
N THR D 43 -21.71 14.17 -6.56
CA THR D 43 -22.89 13.82 -7.33
C THR D 43 -22.49 13.18 -8.65
N ALA D 44 -23.32 12.25 -9.12
CA ALA D 44 -23.16 11.65 -10.44
C ALA D 44 -24.51 11.34 -11.05
N GLY D 45 -24.73 11.75 -12.30
CA GLY D 45 -26.02 11.49 -12.91
C GLY D 45 -27.18 12.12 -12.17
N ARG D 46 -26.95 13.29 -11.56
CA ARG D 46 -27.95 13.99 -10.78
C ARG D 46 -28.41 13.20 -9.55
N ARG D 47 -27.58 12.27 -9.05
CA ARG D 47 -27.82 11.58 -7.80
C ARG D 47 -26.73 11.98 -6.81
N ARG D 48 -27.10 12.08 -5.54
CA ARG D 48 -26.19 12.47 -4.47
C ARG D 48 -25.64 11.24 -3.78
N TYR D 49 -24.33 11.24 -3.58
CA TYR D 49 -23.63 10.12 -2.96
C TYR D 49 -22.69 10.58 -1.87
N THR D 50 -22.45 9.70 -0.91
CA THR D 50 -21.38 9.89 0.05
C THR D 50 -20.45 8.70 -0.08
N VAL D 51 -19.12 8.96 -0.17
CA VAL D 51 -18.15 7.88 -0.02
C VAL D 51 -17.72 7.84 1.43
N GLN D 52 -17.85 6.65 2.03
CA GLN D 52 -17.43 6.41 3.41
C GLN D 52 -16.08 5.70 3.35
N PHE D 53 -15.02 6.42 3.70
CA PHE D 53 -13.70 5.83 3.63
C PHE D 53 -13.46 4.82 4.74
N THR D 54 -14.23 4.85 5.83
CA THR D 54 -14.01 3.88 6.89
C THR D 54 -14.54 2.50 6.53
N THR D 55 -15.46 2.42 5.57
CA THR D 55 -16.00 1.15 5.07
C THR D 55 -15.74 0.95 3.59
N MET D 56 -15.12 1.92 2.92
CA MET D 56 -14.79 1.82 1.49
C MET D 56 -16.02 1.49 0.67
N VAL D 57 -17.08 2.29 0.86
CA VAL D 57 -18.31 2.16 0.05
C VAL D 57 -18.78 3.55 -0.35
N GLN D 58 -19.49 3.58 -1.46
CA GLN D 58 -20.26 4.76 -1.85
C GLN D 58 -21.72 4.48 -1.58
N VAL D 59 -22.41 5.46 -1.01
CA VAL D 59 -23.79 5.30 -0.60
C VAL D 59 -24.67 6.28 -1.36
N ASN D 60 -25.69 5.76 -2.03
CA ASN D 60 -26.73 6.63 -2.59
C ASN D 60 -27.52 7.22 -1.42
N GLU D 61 -27.57 8.56 -1.34
CA GLU D 61 -28.15 9.17 -0.15
C GLU D 61 -29.68 9.05 -0.12
N GLU D 62 -30.32 8.79 -1.26
CA GLU D 62 -31.77 8.66 -1.26
C GLU D 62 -32.21 7.24 -0.92
N THR D 63 -31.55 6.24 -1.50
CA THR D 63 -32.00 4.85 -1.37
C THR D 63 -31.20 4.07 -0.35
N GLY D 64 -30.01 4.56 0.01
CA GLY D 64 -29.12 3.82 0.86
C GLY D 64 -28.31 2.75 0.17
N ASN D 65 -28.47 2.57 -1.14
CA ASN D 65 -27.72 1.51 -1.83
C ASN D 65 -26.22 1.75 -1.69
N ARG D 66 -25.50 0.71 -1.29
CA ARG D 66 -24.06 0.73 -1.06
C ARG D 66 -23.37 -0.04 -2.17
N ARG D 67 -22.40 0.62 -2.83
CA ARG D 67 -21.54 -0.04 -3.81
C ARG D 67 -20.10 0.13 -3.33
N PRO D 68 -19.28 -0.90 -3.42
CA PRO D 68 -17.92 -0.78 -2.90
C PRO D 68 -17.04 0.08 -3.77
N VAL D 69 -16.03 0.70 -3.14
CA VAL D 69 -15.05 1.48 -3.85
C VAL D 69 -13.66 0.92 -3.59
N MET D 70 -12.73 1.26 -4.47
CA MET D 70 -11.34 0.89 -4.29
C MET D 70 -10.44 2.02 -4.77
N LEU D 71 -9.23 2.03 -4.22
CA LEU D 71 -8.17 2.96 -4.53
C LEU D 71 -7.06 2.16 -5.18
N THR D 72 -6.71 2.52 -6.42
CA THR D 72 -5.61 1.85 -7.06
C THR D 72 -4.30 2.28 -6.39
N LEU D 73 -3.35 1.37 -6.36
CA LEU D 73 -2.08 1.60 -5.71
C LEU D 73 -0.96 1.41 -6.71
N LEU D 74 0.02 2.31 -6.66
CA LEU D 74 1.19 2.23 -7.50
C LEU D 74 2.28 1.43 -6.80
N ARG D 75 3.03 0.66 -7.58
CA ARG D 75 4.09 -0.19 -7.04
C ARG D 75 5.19 0.65 -6.40
N VAL D 76 5.72 0.17 -5.26
CA VAL D 76 6.89 0.79 -4.63
C VAL D 76 7.92 -0.30 -4.39
N PRO D 77 9.14 -0.17 -4.92
CA PRO D 77 9.59 0.86 -5.85
C PRO D 77 8.90 0.74 -7.21
N ARG D 78 9.11 1.76 -8.03
CA ARG D 78 8.62 1.80 -9.39
C ARG D 78 9.47 0.89 -10.28
N LEU D 79 8.84 0.28 -11.30
CA LEU D 79 9.58 -0.52 -12.27
C LEU D 79 10.25 0.37 -13.31
N ASN D 80 11.37 -0.08 -13.84
CA ASN D 80 12.11 0.70 -14.85
C ASN D 80 11.33 0.80 -16.16
#